data_8OOA
#
_entry.id   8OOA
#
_cell.length_a   1.00
_cell.length_b   1.00
_cell.length_c   1.00
_cell.angle_alpha   90.00
_cell.angle_beta   90.00
_cell.angle_gamma   90.00
#
_symmetry.space_group_name_H-M   'P 1'
#
loop_
_entity.id
_entity.type
_entity.pdbx_description
1 polymer 'DNA strand 1'
2 polymer 'DNA Strand 2'
3 polymer 'Histone H3.1'
4 polymer 'Histone H4'
5 polymer 'Histone H2A'
6 polymer 'Histone H2B'
#
loop_
_entity_poly.entity_id
_entity_poly.type
_entity_poly.pdbx_seq_one_letter_code
_entity_poly.pdbx_strand_id
1 'polydeoxyribonucleotide'
;(DC)(DT)(DG)(DG)(DA)(DG)(DA)(DA)(DT)(DC)(DC)(DC)(DG)(DG)(DT)(DG)(DC)(DC)(DG)(DA)
(DG)(DG)(DC)(DC)(DG)(DC)(DT)(DC)(DA)(DA)(DT)(DT)(DG)(DG)(DT)(DC)(DG)(DT)(DA)(DG)
(DC)(DA)(DA)(DG)(DC)(DT)(DC)(DT)(DA)(DG)(DC)(DA)(DC)(DC)(DG)(DC)(DT)(DT)(DA)(DA)
(DA)(DC)(DG)(DC)(DA)(DC)(DG)(DT)(DA)(DC)(DG)(DC)(DG)(DC)(DT)(DG)(DT)(DC)(DC)(DC)
(DC)(DC)(DG)(DC)(DG)(DT)(DT)(DT)(DT)(DA)(DA)(DC)(DC)(DG)(DC)(DC)(DA)(DA)(DG)(DG)
(DG)(DG)(DA)(DT)(DT)(DA)(DC)(DT)(DC)(DC)(DC)(DT)(DA)(DG)(DT)(DC)(DT)(DC)(DC)(DA)
(DG)(DG)(DC)(DA)(DC)(DG)(DT)(DG)(DT)(DC)(DA)(DG)(DA)(DT)(DA)(DT)(DA)(DT)(DA)(DC)
(DA)(DT)(DC)(DC)(DT)(DG)(DT)(DG)(DC)(DA)(DT)(DG)(DT)(DA)(DT)(DT)(DG)(DA)(DA)(DC)
(DA)(DG)(DC)(DG)(DA)(DC)(DC)(DT)(DT)(DG)(DC)(DC)(DG)(DG)(DT)(DG)(DC)(DC)(DA)(DG)
(DT)(DC)(DG)(DG)(DA)(DT)(DA)(DG)(DT)(DG)(DT)(DT)(DC)(DC)(DG)(DA)(DG)(DC)(DT)(DC)
(DC)(DC)(DA)(DC)(DT)(DC)(DT)(DA)(DG)(DA)(DG)(DG)(DA)(DT)(DC)(DC)(DC)(DC)(DG)(DG)
(DG)(DT)(DA)(DC)(DC)(DG)
;
K
2 'polydeoxyribonucleotide'
;(DC)(DG)(DG)(DT)(DA)(DC)(DC)(DC)(DG)(DG)(DG)(DG)(DA)(DT)(DC)(DC)(DT)(DC)(DT)(DA)
(DG)(DA)(DG)(DT)(DG)(DG)(DG)(DA)(DG)(DC)(DT)(DC)(DG)(DG)(DA)(DA)(DC)(DA)(DC)(DT)
(DA)(DT)(DC)(DC)(DG)(DA)(DC)(DT)(DG)(DG)(DC)(DA)(DC)(DC)(DG)(DG)(DC)(DA)(DA)(DG)
(DG)(DT)(DC)(DG)(DC)(DT)(DG)(DT)(DT)(DC)(DA)(DA)(DT)(DA)(DC)(DA)(DT)(DG)(DC)(DA)
(DC)(DA)(DG)(DG)(DA)(DT)(DG)(DT)(DA)(DT)(DA)(DT)(DA)(DT)(DC)(DT)(DG)(DA)(DC)(DA)
(DC)(DG)(DT)(DG)(DC)(DC)(DT)(DG)(DG)(DA)(DG)(DA)(DC)(DT)(DA)(DG)(DG)(DG)(DA)(DG)
(DT)(DA)(DA)(DT)(DC)(DC)(DC)(DC)(DT)(DT)(DG)(DG)(DC)(DG)(DG)(DT)(DT)(DA)(DA)(DA)
(DA)(DC)(DG)(DC)(DG)(DG)(DG)(DG)(DG)(DA)(DC)(DA)(DG)(DC)(DG)(DC)(DG)(DT)(DA)(DC)
(DG)(DT)(DG)(DC)(DG)(DT)(DT)(DT)(DA)(DA)(DG)(DC)(DG)(DG)(DT)(DG)(DC)(DT)(DA)(DG)
(DA)(DG)(DC)(DT)(DT)(DG)(DC)(DT)(DA)(DC)(DG)(DA)(DC)(DC)(DA)(DA)(DT)(DT)(DG)(DA)
(DG)(DC)(DG)(DG)(DC)(DC)(DT)(DC)(DG)(DG)(DC)(DA)(DC)(DC)(DG)(DG)(DG)(DA)(DT)(DT)
(DC)(DT)(DC)(DC)(DA)(DG)
;
L
3 'polypeptide(L)'
;ARTKQTARKSTGGKAPRKQLATKAARKSAPATGGVKKPHRYRPGTVALREIRRYQKSTELLIRKLPFQRLVREIAQDFKT
DLRFQSSAVMALQEACEAYLVGLFEDTNLCAIHAKRVTIMPKDIQLARRIRGERA
;
M,Q
4 'polypeptide(L)'
;SGRGKGGKGLGKGGAKRHRKVLRDNIQGITKPAIRRLARRGGVKRISGLIYEETRGVLKVFLENVIRDAVTYTEHAKRKT
VTAMDVVYALKRQGRTLYGFGG
;
N,R
5 'polypeptide(L)'
;SGRGKQGGKARAKAKSRSSRAGLQFPVGRVHRLLRKGNYAERVGAGAPVYLAAVLEYLTAEILELAGNAARDNKKTRIIP
RHLQLAIRNDEELNKLLGRVTIAQGGVLPNIQAVLLPKKTESHHKAKGK
;
O
6 'polypeptide(L)'
;PEPAKSAPAPKKGSKKAVTKAQKKDGKKRKRSRKESYSVYVYKVLKQVHPDTGISSKAMGIMNSFVNDIFERIAGEASRL
AHYNKRSTITSREIQTAVRLLLPGELAKHAVSEGTKAVTKYTSSK
;
P
#
# COMPACT_ATOMS: atom_id res chain seq x y z
N LEU C 61 31.51 -5.86 1.00
CA LEU C 61 31.22 -6.04 2.41
C LEU C 61 30.87 -7.50 2.72
N ILE C 62 29.80 -8.01 2.12
CA ILE C 62 29.56 -9.45 2.14
C ILE C 62 30.53 -10.12 1.18
N ARG C 63 30.97 -11.32 1.53
CA ARG C 63 31.83 -12.10 0.65
C ARG C 63 31.00 -12.74 -0.46
N LYS C 64 31.61 -12.87 -1.64
CA LYS C 64 30.88 -13.22 -2.84
C LYS C 64 30.40 -14.66 -2.84
N LEU C 65 31.32 -15.61 -2.73
CA LEU C 65 30.96 -17.04 -2.75
C LEU C 65 29.90 -17.45 -1.73
N PRO C 66 29.91 -17.00 -0.48
CA PRO C 66 28.81 -17.40 0.42
C PRO C 66 27.48 -16.76 0.09
N PHE C 67 27.49 -15.50 -0.37
CA PHE C 67 26.24 -14.89 -0.84
C PHE C 67 25.71 -15.57 -2.09
N GLN C 68 26.59 -15.99 -2.99
CA GLN C 68 26.21 -16.76 -4.16
C GLN C 68 25.47 -18.04 -3.78
N ARG C 69 26.04 -18.84 -2.88
CA ARG C 69 25.35 -20.04 -2.41
C ARG C 69 24.03 -19.72 -1.71
N LEU C 70 23.97 -18.61 -0.99
CA LEU C 70 22.70 -18.16 -0.40
C LEU C 70 21.61 -17.89 -1.44
N VAL C 71 21.93 -17.22 -2.55
CA VAL C 71 20.90 -16.92 -3.54
C VAL C 71 20.50 -18.16 -4.34
N ARG C 72 21.45 -19.04 -4.63
CA ARG C 72 21.10 -20.32 -5.25
C ARG C 72 20.24 -21.19 -4.34
N GLU C 73 20.57 -21.24 -3.05
CA GLU C 73 19.74 -21.97 -2.09
C GLU C 73 18.31 -21.45 -2.08
N ILE C 74 18.13 -20.14 -2.04
CA ILE C 74 16.79 -19.55 -2.07
C ILE C 74 16.07 -19.91 -3.36
N ALA C 75 16.79 -19.87 -4.49
CA ALA C 75 16.18 -20.14 -5.79
C ALA C 75 15.53 -21.51 -5.88
N GLN C 76 16.15 -22.53 -5.24
CA GLN C 76 15.61 -23.88 -5.28
C GLN C 76 14.12 -23.92 -4.95
N ASP C 77 13.65 -23.06 -4.05
CA ASP C 77 12.24 -23.08 -3.69
C ASP C 77 11.34 -22.53 -4.78
N PHE C 78 11.89 -21.77 -5.72
CA PHE C 78 11.12 -21.13 -6.78
C PHE C 78 11.22 -21.87 -8.11
N LYS C 79 12.41 -22.33 -8.49
CA LYS C 79 12.56 -23.25 -9.60
C LYS C 79 13.89 -23.96 -9.47
N THR C 80 13.87 -25.28 -9.58
CA THR C 80 15.08 -26.08 -9.60
C THR C 80 15.88 -25.88 -10.89
N ASP C 81 17.19 -26.07 -10.78
CA ASP C 81 18.14 -25.99 -11.89
C ASP C 81 18.14 -24.65 -12.61
N LEU C 82 17.72 -23.57 -11.95
CA LEU C 82 17.94 -22.24 -12.50
C LEU C 82 19.42 -21.96 -12.67
N ARG C 83 19.78 -21.30 -13.76
CA ARG C 83 21.09 -20.69 -13.91
C ARG C 83 21.06 -19.23 -13.49
N PHE C 84 22.21 -18.72 -13.03
CA PHE C 84 22.36 -17.31 -12.72
C PHE C 84 23.58 -16.75 -13.45
N GLN C 85 23.39 -15.63 -14.17
CA GLN C 85 24.51 -14.90 -14.71
C GLN C 85 25.39 -14.33 -13.60
N SER C 86 26.70 -14.29 -13.86
CA SER C 86 27.64 -13.61 -12.97
C SER C 86 27.22 -12.18 -12.65
N SER C 87 26.67 -11.48 -13.65
CA SER C 87 26.14 -10.14 -13.43
C SER C 87 24.87 -10.12 -12.61
N ALA C 88 24.06 -11.17 -12.66
CA ALA C 88 22.82 -11.19 -11.89
C ALA C 88 23.08 -11.39 -10.40
N VAL C 89 24.09 -12.19 -10.05
CA VAL C 89 24.46 -12.36 -8.64
C VAL C 89 24.94 -11.04 -8.04
N MET C 90 25.80 -10.32 -8.75
CA MET C 90 26.32 -9.06 -8.23
C MET C 90 25.24 -8.00 -8.09
N ALA C 91 24.33 -7.91 -9.06
CA ALA C 91 23.21 -6.98 -8.94
C ALA C 91 22.34 -7.28 -7.72
N LEU C 92 22.25 -8.55 -7.31
CA LEU C 92 21.55 -8.89 -6.08
C LEU C 92 22.33 -8.52 -4.82
N GLN C 93 23.63 -8.84 -4.79
CA GLN C 93 24.44 -8.52 -3.61
C GLN C 93 24.50 -7.02 -3.35
N GLU C 94 24.81 -6.24 -4.40
CA GLU C 94 24.90 -4.79 -4.25
C GLU C 94 23.58 -4.19 -3.79
N ALA C 95 22.46 -4.75 -4.22
CA ALA C 95 21.16 -4.34 -3.69
C ALA C 95 20.94 -4.77 -2.25
N CYS C 96 21.47 -5.92 -1.84
CA CYS C 96 21.34 -6.37 -0.46
C CYS C 96 22.23 -5.56 0.48
N GLU C 97 23.48 -5.33 0.09
CA GLU C 97 24.34 -4.41 0.84
C GLU C 97 23.71 -3.04 0.99
N ALA C 98 23.20 -2.47 -0.10
CA ALA C 98 22.53 -1.18 -0.04
C ALA C 98 21.26 -1.21 0.80
N TYR C 99 20.54 -2.33 0.79
CA TYR C 99 19.36 -2.45 1.65
C TYR C 99 19.73 -2.48 3.14
N LEU C 100 20.72 -3.28 3.50
CA LEU C 100 21.10 -3.43 4.90
C LEU C 100 21.79 -2.18 5.44
N VAL C 101 22.75 -1.62 4.69
CA VAL C 101 23.39 -0.37 5.10
C VAL C 101 22.34 0.71 5.33
N GLY C 102 21.41 0.87 4.39
CA GLY C 102 20.36 1.87 4.54
C GLY C 102 19.32 1.56 5.59
N LEU C 103 19.27 0.32 6.09
CA LEU C 103 18.39 -0.02 7.20
C LEU C 103 19.06 0.18 8.56
N PHE C 104 20.31 -0.25 8.71
CA PHE C 104 21.04 -0.02 9.95
C PHE C 104 21.06 1.46 10.32
N GLU C 105 21.12 2.33 9.32
CA GLU C 105 21.00 3.77 9.55
C GLU C 105 19.67 4.11 10.22
N ASP C 106 18.56 3.58 9.69
CA ASP C 106 17.26 3.78 10.32
C ASP C 106 17.15 3.16 11.71
N THR C 107 17.89 2.09 11.99
CA THR C 107 17.93 1.54 13.35
C THR C 107 18.79 2.38 14.29
N ASN C 108 19.88 2.95 13.80
CA ASN C 108 20.68 3.86 14.62
C ASN C 108 19.88 5.08 15.05
N LEU C 109 19.04 5.61 14.16
CA LEU C 109 18.11 6.66 14.56
C LEU C 109 17.17 6.20 15.65
N CYS C 110 16.73 4.94 15.59
CA CYS C 110 15.91 4.38 16.67
C CYS C 110 16.71 4.13 17.94
N ALA C 111 18.01 3.83 17.84
CA ALA C 111 18.86 3.68 19.01
C ALA C 111 19.30 5.01 19.59
N ILE C 112 19.50 6.02 18.76
CA ILE C 112 19.90 7.33 19.27
C ILE C 112 18.70 8.08 19.82
N HIS C 113 17.53 7.87 19.24
CA HIS C 113 16.30 8.02 20.00
C HIS C 113 16.31 7.02 21.15
N ALA C 114 15.59 7.36 22.22
CA ALA C 114 15.58 6.58 23.46
C ALA C 114 16.97 6.50 24.11
N LYS C 115 17.85 7.46 23.83
CA LYS C 115 19.09 7.71 24.54
C LYS C 115 20.10 6.57 24.52
N ARG C 116 19.86 5.50 23.77
CA ARG C 116 20.87 4.44 23.77
C ARG C 116 21.99 4.75 22.79
N VAL C 117 23.12 4.06 22.99
CA VAL C 117 24.18 3.96 22.00
C VAL C 117 24.11 2.66 21.21
N THR C 118 23.43 1.64 21.74
CA THR C 118 23.48 0.27 21.24
C THR C 118 22.16 -0.04 20.54
N ILE C 119 22.24 -0.48 19.28
CA ILE C 119 21.05 -0.91 18.56
C ILE C 119 20.59 -2.28 19.03
N MET C 120 19.28 -2.43 19.12
CA MET C 120 18.57 -3.62 19.57
C MET C 120 17.67 -4.13 18.45
N PRO C 121 17.35 -5.43 18.43
CA PRO C 121 16.31 -5.90 17.49
C PRO C 121 15.02 -5.11 17.57
N LYS C 122 14.69 -4.60 18.75
CA LYS C 122 13.57 -3.67 18.90
C LYS C 122 13.70 -2.44 18.01
N ASP C 123 14.94 -2.04 17.68
CA ASP C 123 15.14 -0.92 16.75
C ASP C 123 14.94 -1.31 15.30
N ILE C 124 15.43 -2.48 14.90
CA ILE C 124 15.12 -3.03 13.58
C ILE C 124 13.63 -3.16 13.38
N GLN C 125 12.91 -3.65 14.40
CA GLN C 125 11.46 -3.80 14.30
C GLN C 125 10.76 -2.47 14.17
N LEU C 126 11.20 -1.45 14.91
CA LEU C 126 10.60 -0.12 14.77
C LEU C 126 10.94 0.52 13.43
N ALA C 127 12.19 0.38 12.98
CA ALA C 127 12.58 0.87 11.67
C ALA C 127 11.74 0.26 10.56
N ARG C 128 11.70 -1.08 10.50
CA ARG C 128 10.93 -1.78 9.47
C ARG C 128 9.43 -1.50 9.57
N ARG C 129 8.90 -1.32 10.77
CA ARG C 129 7.48 -0.99 10.89
C ARG C 129 7.16 0.42 10.38
N ILE C 130 8.10 1.36 10.51
CA ILE C 130 7.82 2.72 10.05
C ILE C 130 8.20 2.92 8.59
N ARG C 131 9.24 2.24 8.10
CA ARG C 131 9.48 2.17 6.67
C ARG C 131 8.31 1.56 5.92
N GLY C 132 7.48 0.77 6.61
CA GLY C 132 6.30 0.16 6.04
C GLY C 132 6.44 -1.31 5.72
N GLU C 133 7.59 -1.91 5.99
CA GLU C 133 7.81 -3.31 5.65
C GLU C 133 7.02 -4.23 6.58
N ARG C 134 6.72 -3.78 7.79
CA ARG C 134 5.81 -4.50 8.68
C ARG C 134 4.39 -3.96 8.58
N VAL D 21 22.24 -29.95 -3.44
CA VAL D 21 21.33 -29.29 -2.52
C VAL D 21 22.12 -28.40 -1.56
N LEU D 22 21.60 -27.19 -1.32
CA LEU D 22 22.22 -26.23 -0.43
C LEU D 22 21.39 -26.09 0.85
N ARG D 23 22.05 -26.11 1.99
CA ARG D 23 21.39 -25.87 3.27
C ARG D 23 22.29 -25.03 4.17
N ASP D 24 21.66 -24.33 5.11
CA ASP D 24 22.29 -23.55 6.18
C ASP D 24 23.12 -22.38 5.69
N ASN D 25 23.03 -22.01 4.41
CA ASN D 25 23.89 -20.98 3.84
C ASN D 25 23.59 -19.58 4.34
N ILE D 26 22.49 -19.38 5.08
CA ILE D 26 22.24 -18.10 5.74
C ILE D 26 23.27 -17.77 6.81
N GLN D 27 23.96 -18.75 7.38
CA GLN D 27 25.09 -18.49 8.25
C GLN D 27 26.29 -17.90 7.51
N GLY D 28 26.27 -17.88 6.18
CA GLY D 28 27.40 -17.37 5.41
C GLY D 28 27.56 -15.87 5.42
N ILE D 29 26.50 -15.12 5.72
CA ILE D 29 26.69 -13.74 6.17
C ILE D 29 27.16 -13.73 7.62
N THR D 30 28.48 -13.72 7.80
CA THR D 30 29.11 -13.83 9.10
C THR D 30 28.83 -12.59 9.96
N LYS D 31 29.01 -12.76 11.27
CA LYS D 31 28.89 -11.66 12.22
C LYS D 31 29.75 -10.45 11.87
N PRO D 32 31.03 -10.57 11.49
CA PRO D 32 31.79 -9.37 11.10
C PRO D 32 31.25 -8.67 9.88
N ALA D 33 30.69 -9.41 8.93
CA ALA D 33 30.02 -8.79 7.79
C ALA D 33 28.83 -7.95 8.23
N ILE D 34 28.04 -8.43 9.19
CA ILE D 34 26.97 -7.62 9.76
C ILE D 34 27.54 -6.38 10.44
N ARG D 35 28.66 -6.51 11.16
CA ARG D 35 29.30 -5.34 11.75
C ARG D 35 29.70 -4.32 10.69
N ARG D 36 30.38 -4.77 9.63
CA ARG D 36 30.78 -3.87 8.55
C ARG D 36 29.58 -3.13 7.97
N LEU D 37 28.50 -3.85 7.69
CA LEU D 37 27.28 -3.20 7.20
C LEU D 37 26.71 -2.22 8.22
N ALA D 38 26.75 -2.59 9.51
CA ALA D 38 26.19 -1.74 10.55
C ALA D 38 27.03 -0.48 10.77
N ARG D 39 28.37 -0.60 10.79
CA ARG D 39 29.20 0.58 10.96
C ARG D 39 29.14 1.49 9.75
N ARG D 40 28.94 0.94 8.55
CA ARG D 40 28.68 1.77 7.38
C ARG D 40 27.40 2.59 7.54
N GLY D 41 26.41 2.04 8.23
CA GLY D 41 25.24 2.77 8.64
C GLY D 41 25.40 3.63 9.87
N GLY D 42 26.61 3.75 10.40
CA GLY D 42 26.91 4.63 11.52
C GLY D 42 26.72 4.01 12.90
N VAL D 43 26.29 2.75 12.97
CA VAL D 43 26.05 2.09 14.25
C VAL D 43 27.35 1.95 15.02
N LYS D 44 27.35 2.37 16.28
CA LYS D 44 28.51 2.28 17.15
C LYS D 44 28.59 0.97 17.92
N ARG D 45 27.49 0.48 18.47
CA ARG D 45 27.48 -0.77 19.22
C ARG D 45 26.30 -1.64 18.80
N ILE D 46 26.56 -2.95 18.74
CA ILE D 46 25.63 -3.92 18.15
C ILE D 46 25.33 -5.00 19.17
N SER D 47 24.07 -5.07 19.62
CA SER D 47 23.65 -6.21 20.42
C SER D 47 23.82 -7.52 19.65
N GLY D 48 24.22 -8.57 20.37
CA GLY D 48 24.32 -9.89 19.76
C GLY D 48 23.02 -10.40 19.17
N LEU D 49 21.89 -9.98 19.72
CA LEU D 49 20.57 -10.23 19.13
C LEU D 49 20.34 -9.56 17.79
N ILE D 50 21.21 -8.64 17.37
CA ILE D 50 21.06 -8.04 16.05
C ILE D 50 21.42 -9.04 14.94
N TYR D 51 22.40 -9.90 15.19
CA TYR D 51 22.91 -10.79 14.14
C TYR D 51 21.83 -11.71 13.59
N GLU D 52 21.14 -12.43 14.46
CA GLU D 52 20.06 -13.29 14.00
C GLU D 52 18.90 -12.49 13.42
N GLU D 53 18.60 -11.33 14.01
CA GLU D 53 17.56 -10.46 13.47
C GLU D 53 17.90 -9.94 12.07
N THR D 54 19.18 -9.61 11.84
CA THR D 54 19.59 -9.13 10.52
C THR D 54 19.56 -10.23 9.46
N ARG D 55 19.97 -11.44 9.83
CA ARG D 55 19.84 -12.58 8.92
C ARG D 55 18.40 -12.84 8.51
N GLY D 56 17.47 -12.76 9.45
CA GLY D 56 16.06 -12.86 9.10
C GLY D 56 15.61 -11.76 8.16
N VAL D 57 16.06 -10.53 8.43
CA VAL D 57 15.72 -9.38 7.57
C VAL D 57 16.31 -9.53 6.18
N LEU D 58 17.59 -9.91 6.09
CA LEU D 58 18.22 -10.17 4.79
C LEU D 58 17.47 -11.21 3.98
N LYS D 59 17.20 -12.37 4.58
CA LYS D 59 16.57 -13.47 3.84
C LYS D 59 15.14 -13.14 3.40
N VAL D 60 14.37 -12.45 4.25
CA VAL D 60 13.02 -12.06 3.86
C VAL D 60 13.05 -11.07 2.70
N PHE D 61 14.05 -10.18 2.67
CA PHE D 61 14.21 -9.28 1.52
C PHE D 61 14.64 -10.04 0.28
N LEU D 62 15.72 -10.82 0.39
CA LEU D 62 16.33 -11.48 -0.76
C LEU D 62 15.39 -12.49 -1.41
N GLU D 63 14.56 -13.17 -0.61
CA GLU D 63 13.53 -14.04 -1.16
C GLU D 63 12.58 -13.30 -2.10
N ASN D 64 12.15 -12.09 -1.73
CA ASN D 64 11.17 -11.39 -2.55
C ASN D 64 11.73 -10.94 -3.89
N VAL D 65 12.96 -10.43 -3.92
CA VAL D 65 13.59 -10.06 -5.19
C VAL D 65 13.86 -11.27 -6.06
N ILE D 66 14.33 -12.38 -5.49
CA ILE D 66 14.55 -13.61 -6.25
C ILE D 66 13.26 -14.16 -6.84
N ARG D 67 12.18 -14.15 -6.05
CA ARG D 67 10.91 -14.70 -6.53
C ARG D 67 10.43 -14.00 -7.81
N ASP D 68 10.45 -12.67 -7.82
CA ASP D 68 10.01 -11.93 -9.01
C ASP D 68 10.99 -12.06 -10.17
N ALA D 69 12.28 -12.05 -9.88
CA ALA D 69 13.29 -12.25 -10.92
C ALA D 69 13.16 -13.62 -11.58
N VAL D 70 12.80 -14.64 -10.82
CA VAL D 70 12.51 -15.96 -11.38
C VAL D 70 11.20 -15.96 -12.17
N THR D 71 10.19 -15.23 -11.68
CA THR D 71 8.96 -15.07 -12.45
C THR D 71 9.18 -14.38 -13.79
N TYR D 72 10.08 -13.39 -13.83
CA TYR D 72 10.48 -12.85 -15.13
C TYR D 72 11.27 -13.86 -15.97
N THR D 73 12.19 -14.61 -15.36
CA THR D 73 12.94 -15.61 -16.09
C THR D 73 12.04 -16.68 -16.71
N GLU D 74 11.07 -17.17 -15.95
CA GLU D 74 10.09 -18.11 -16.50
C GLU D 74 9.27 -17.50 -17.63
N HIS D 75 8.93 -16.21 -17.55
CA HIS D 75 8.14 -15.61 -18.62
C HIS D 75 8.88 -15.58 -19.95
N ALA D 76 10.18 -15.27 -19.92
CA ALA D 76 10.98 -15.35 -21.13
C ALA D 76 11.21 -16.77 -21.61
N LYS D 77 10.74 -17.78 -20.87
CA LYS D 77 11.03 -19.18 -21.16
C LYS D 77 12.52 -19.49 -21.09
N ARG D 78 13.28 -18.66 -20.37
CA ARG D 78 14.69 -18.88 -20.15
C ARG D 78 14.92 -19.86 -19.00
N LYS D 79 16.09 -20.47 -18.99
CA LYS D 79 16.62 -21.16 -17.83
C LYS D 79 17.66 -20.35 -17.07
N THR D 80 18.12 -19.23 -17.61
CA THR D 80 19.08 -18.36 -16.95
C THR D 80 18.37 -17.10 -16.46
N VAL D 81 18.50 -16.82 -15.16
CA VAL D 81 18.12 -15.52 -14.60
C VAL D 81 19.20 -14.50 -14.95
N THR D 82 18.78 -13.38 -15.53
CA THR D 82 19.70 -12.37 -16.03
C THR D 82 19.70 -11.15 -15.12
N ALA D 83 20.76 -10.34 -15.26
CA ALA D 83 20.86 -9.08 -14.53
C ALA D 83 19.68 -8.15 -14.79
N MET D 84 19.15 -8.16 -16.01
CA MET D 84 17.95 -7.38 -16.29
C MET D 84 16.72 -7.91 -15.56
N ASP D 85 16.66 -9.22 -15.30
CA ASP D 85 15.61 -9.77 -14.45
C ASP D 85 15.71 -9.27 -13.02
N VAL D 86 16.95 -9.18 -12.50
CA VAL D 86 17.18 -8.57 -11.20
C VAL D 86 16.74 -7.11 -11.21
N VAL D 87 17.20 -6.33 -12.19
CA VAL D 87 16.80 -4.93 -12.32
C VAL D 87 15.28 -4.76 -12.30
N TYR D 88 14.57 -5.57 -13.09
CA TYR D 88 13.10 -5.49 -13.07
C TYR D 88 12.53 -5.89 -11.71
N ALA D 89 13.11 -6.92 -11.09
CA ALA D 89 12.63 -7.35 -9.77
C ALA D 89 12.88 -6.29 -8.71
N LEU D 90 14.07 -5.68 -8.72
CA LEU D 90 14.36 -4.56 -7.83
C LEU D 90 13.47 -3.36 -8.09
N LYS D 91 13.32 -2.97 -9.35
CA LYS D 91 12.38 -1.90 -9.72
C LYS D 91 10.97 -2.16 -9.20
N ARG D 92 10.53 -3.42 -9.18
CA ARG D 92 9.21 -3.70 -8.60
C ARG D 92 9.22 -3.55 -7.08
N GLN D 93 10.26 -4.06 -6.40
CA GLN D 93 10.37 -3.83 -4.96
C GLN D 93 10.46 -2.34 -4.64
N GLY D 94 11.08 -1.55 -5.51
CA GLY D 94 11.02 -0.11 -5.37
C GLY D 94 9.62 0.45 -5.26
N ARG D 95 8.67 -0.15 -5.99
CA ARG D 95 7.28 0.28 -5.87
C ARG D 95 6.68 0.00 -4.49
N ARG E 11 -27.27 -15.39 -39.79
CA ARG E 11 -26.49 -14.84 -38.69
C ARG E 11 -26.98 -15.36 -37.34
N ALA E 12 -26.10 -16.01 -36.59
CA ALA E 12 -26.48 -16.56 -35.30
C ALA E 12 -26.68 -15.44 -34.28
N LYS E 13 -27.55 -15.71 -33.30
CA LYS E 13 -27.75 -14.78 -32.20
C LYS E 13 -26.49 -14.64 -31.35
N ALA E 14 -26.17 -13.40 -31.01
CA ALA E 14 -24.93 -13.10 -30.29
C ALA E 14 -24.93 -13.75 -28.92
N LYS E 15 -23.77 -14.29 -28.53
CA LYS E 15 -23.53 -14.78 -27.18
C LYS E 15 -22.33 -14.02 -26.60
N SER E 16 -22.60 -13.20 -25.58
CA SER E 16 -21.57 -12.34 -24.99
C SER E 16 -20.36 -13.15 -24.57
N ARG E 17 -19.18 -12.54 -24.77
CA ARG E 17 -17.92 -13.21 -24.44
C ARG E 17 -17.81 -13.54 -22.96
N SER E 18 -18.49 -12.77 -22.11
CA SER E 18 -18.61 -13.13 -20.70
C SER E 18 -19.38 -14.42 -20.49
N SER E 19 -20.55 -14.54 -21.12
CA SER E 19 -21.33 -15.78 -21.04
C SER E 19 -20.53 -16.99 -21.46
N ARG E 20 -19.75 -16.89 -22.54
CA ARG E 20 -18.95 -18.04 -22.97
C ARG E 20 -17.82 -18.34 -21.98
N ALA E 21 -17.29 -17.32 -21.31
CA ALA E 21 -16.32 -17.55 -20.24
C ALA E 21 -16.98 -17.85 -18.90
N GLY E 22 -18.29 -17.66 -18.77
CA GLY E 22 -18.98 -17.83 -17.51
C GLY E 22 -18.87 -16.66 -16.56
N LEU E 23 -18.24 -15.57 -16.97
CA LEU E 23 -17.93 -14.48 -16.06
C LEU E 23 -19.13 -13.56 -15.89
N GLN E 24 -19.20 -12.93 -14.72
CA GLN E 24 -20.06 -11.76 -14.54
C GLN E 24 -19.39 -10.49 -15.09
N PHE E 25 -18.07 -10.40 -14.99
CA PHE E 25 -17.36 -9.21 -15.45
C PHE E 25 -17.30 -9.14 -16.98
N PRO E 26 -17.31 -7.92 -17.54
CA PRO E 26 -17.53 -7.74 -18.99
C PRO E 26 -16.26 -7.89 -19.81
N VAL E 27 -16.07 -9.07 -20.41
CA VAL E 27 -14.86 -9.35 -21.19
C VAL E 27 -14.74 -8.40 -22.38
N GLY E 28 -15.88 -8.02 -22.97
CA GLY E 28 -15.85 -7.10 -24.10
C GLY E 28 -15.33 -5.71 -23.72
N ARG E 29 -15.86 -5.15 -22.65
CA ARG E 29 -15.33 -3.88 -22.12
C ARG E 29 -13.87 -4.00 -21.70
N VAL E 30 -13.49 -5.07 -21.02
CA VAL E 30 -12.08 -5.28 -20.65
C VAL E 30 -11.20 -5.41 -21.88
N HIS E 31 -11.73 -5.92 -23.00
CA HIS E 31 -10.97 -5.92 -24.24
C HIS E 31 -10.77 -4.51 -24.78
N ARG E 32 -11.85 -3.73 -24.86
CA ARG E 32 -11.75 -2.34 -25.28
C ARG E 32 -10.76 -1.55 -24.44
N LEU E 33 -10.89 -1.62 -23.11
CA LEU E 33 -10.03 -0.84 -22.23
C LEU E 33 -8.56 -1.22 -22.35
N LEU E 34 -8.25 -2.49 -22.62
CA LEU E 34 -6.86 -2.87 -22.90
C LEU E 34 -6.36 -2.27 -24.21
N ARG E 35 -7.25 -2.04 -25.17
CA ARG E 35 -6.88 -1.39 -26.42
C ARG E 35 -6.84 0.13 -26.29
N LYS E 36 -7.91 0.73 -25.74
CA LYS E 36 -7.95 2.17 -25.54
C LYS E 36 -6.78 2.67 -24.69
N GLY E 37 -6.37 1.90 -23.69
CA GLY E 37 -5.28 2.34 -22.83
C GLY E 37 -3.90 2.28 -23.46
N ASN E 38 -3.78 1.76 -24.68
CA ASN E 38 -2.49 1.66 -25.38
C ASN E 38 -1.46 0.91 -24.54
N TYR E 39 -1.89 -0.18 -23.92
CA TYR E 39 -0.97 -1.01 -23.15
C TYR E 39 0.01 -1.74 -24.06
N ALA E 40 -0.44 -2.18 -25.22
CA ALA E 40 0.47 -2.64 -26.26
C ALA E 40 -0.21 -2.51 -27.61
N GLU E 41 0.60 -2.71 -28.66
CA GLU E 41 0.10 -2.59 -30.03
C GLU E 41 -1.03 -3.56 -30.33
N ARG E 42 -1.04 -4.72 -29.68
CA ARG E 42 -2.03 -5.76 -29.96
C ARG E 42 -2.48 -6.40 -28.66
N VAL E 43 -3.67 -7.00 -28.69
CA VAL E 43 -4.29 -7.57 -27.50
C VAL E 43 -4.93 -8.90 -27.88
N GLY E 44 -4.32 -10.00 -27.44
CA GLY E 44 -4.87 -11.32 -27.74
C GLY E 44 -6.27 -11.50 -27.18
N ALA E 45 -7.01 -12.40 -27.83
CA ALA E 45 -8.41 -12.64 -27.48
C ALA E 45 -8.57 -13.23 -26.09
N GLY E 46 -7.55 -13.91 -25.57
CA GLY E 46 -7.64 -14.50 -24.24
C GLY E 46 -7.33 -13.57 -23.10
N ALA E 47 -6.48 -12.56 -23.32
CA ALA E 47 -6.13 -11.61 -22.26
C ALA E 47 -7.33 -10.92 -21.60
N PRO E 48 -8.35 -10.46 -22.33
CA PRO E 48 -9.54 -9.93 -21.65
C PRO E 48 -10.31 -10.95 -20.85
N VAL E 49 -10.27 -12.22 -21.24
CA VAL E 49 -10.98 -13.26 -20.51
C VAL E 49 -10.26 -13.60 -19.21
N TYR E 50 -8.95 -13.79 -19.28
CA TYR E 50 -8.17 -14.07 -18.08
C TYR E 50 -8.25 -12.92 -17.07
N LEU E 51 -8.03 -11.69 -17.54
CA LEU E 51 -8.07 -10.52 -16.68
C LEU E 51 -9.44 -10.30 -16.04
N ALA E 52 -10.51 -10.43 -16.81
CA ALA E 52 -11.85 -10.27 -16.26
C ALA E 52 -12.16 -11.31 -15.19
N ALA E 53 -11.64 -12.52 -15.34
CA ALA E 53 -11.81 -13.54 -14.30
C ALA E 53 -11.09 -13.15 -13.01
N VAL E 54 -9.89 -12.58 -13.12
CA VAL E 54 -9.14 -12.14 -11.95
C VAL E 54 -9.81 -10.93 -11.28
N LEU E 55 -10.33 -9.99 -12.07
CA LEU E 55 -11.11 -8.90 -11.49
C LEU E 55 -12.33 -9.40 -10.74
N GLU E 56 -13.03 -10.40 -11.30
CA GLU E 56 -14.22 -10.94 -10.66
C GLU E 56 -13.88 -11.70 -9.38
N TYR E 57 -12.77 -12.43 -9.38
CA TYR E 57 -12.29 -13.09 -8.18
C TYR E 57 -11.98 -12.12 -7.05
N LEU E 58 -11.12 -11.13 -7.31
CA LEU E 58 -10.75 -10.16 -6.28
C LEU E 58 -11.94 -9.34 -5.80
N THR E 59 -12.91 -9.09 -6.67
CA THR E 59 -14.16 -8.48 -6.21
C THR E 59 -14.94 -9.40 -5.28
N ALA E 60 -14.94 -10.71 -5.57
CA ALA E 60 -15.66 -11.66 -4.74
C ALA E 60 -15.01 -11.88 -3.37
N GLU E 61 -13.69 -12.01 -3.35
CA GLU E 61 -12.94 -12.09 -2.09
C GLU E 61 -13.28 -10.95 -1.13
N ILE E 62 -13.05 -9.71 -1.56
CA ILE E 62 -13.30 -8.54 -0.70
C ILE E 62 -14.77 -8.44 -0.29
N LEU E 63 -15.70 -8.76 -1.19
CA LEU E 63 -17.11 -8.63 -0.83
C LEU E 63 -17.60 -9.71 0.13
N GLU E 64 -16.99 -10.89 0.17
CA GLU E 64 -17.39 -11.85 1.20
C GLU E 64 -16.92 -11.41 2.59
N LEU E 65 -15.68 -10.95 2.69
CA LEU E 65 -15.14 -10.48 3.97
C LEU E 65 -15.89 -9.24 4.46
N ALA E 66 -16.25 -8.33 3.55
CA ALA E 66 -17.01 -7.15 3.92
C ALA E 66 -18.46 -7.48 4.24
N GLY E 67 -19.04 -8.47 3.56
CA GLY E 67 -20.36 -8.94 3.92
C GLY E 67 -20.40 -9.64 5.27
N ASN E 68 -19.32 -10.33 5.64
CA ASN E 68 -19.18 -10.83 7.00
C ASN E 68 -19.11 -9.69 8.02
N ALA E 69 -18.19 -8.75 7.81
CA ALA E 69 -18.06 -7.60 8.71
C ALA E 69 -19.37 -6.84 8.87
N ALA E 70 -20.15 -6.71 7.79
CA ALA E 70 -21.45 -6.06 7.89
C ALA E 70 -22.40 -6.86 8.78
N ARG E 71 -22.44 -8.18 8.58
CA ARG E 71 -23.28 -9.04 9.41
C ARG E 71 -22.83 -9.02 10.87
N ASP E 72 -21.50 -9.05 11.10
CA ASP E 72 -20.97 -8.94 12.45
C ASP E 72 -21.41 -7.67 13.15
N ASN E 73 -21.75 -6.62 12.41
CA ASN E 73 -22.25 -5.38 12.98
C ASN E 73 -23.75 -5.20 12.76
N LYS E 74 -24.44 -6.28 12.42
CA LYS E 74 -25.90 -6.32 12.23
C LYS E 74 -26.36 -5.45 11.07
N LYS E 75 -25.48 -5.12 10.14
CA LYS E 75 -25.81 -4.26 9.01
C LYS E 75 -26.00 -5.11 7.75
N THR E 76 -27.07 -4.81 7.01
CA THR E 76 -27.34 -5.50 5.76
C THR E 76 -26.54 -4.95 4.59
N ARG E 77 -26.21 -3.67 4.61
CA ARG E 77 -25.47 -3.02 3.54
C ARG E 77 -24.00 -2.93 3.91
N ILE E 78 -23.14 -3.23 2.93
CA ILE E 78 -21.73 -2.91 3.06
C ILE E 78 -21.56 -1.39 3.06
N ILE E 79 -21.05 -0.87 4.17
CA ILE E 79 -20.65 0.52 4.32
C ILE E 79 -19.15 0.56 4.05
N PRO E 80 -18.57 1.69 3.63
CA PRO E 80 -17.10 1.78 3.51
C PRO E 80 -16.35 1.29 4.74
N ARG E 81 -16.92 1.45 5.93
CA ARG E 81 -16.33 0.91 7.16
C ARG E 81 -16.07 -0.59 7.03
N HIS E 82 -17.06 -1.33 6.53
CA HIS E 82 -16.96 -2.78 6.42
C HIS E 82 -15.92 -3.23 5.40
N LEU E 83 -15.72 -2.46 4.33
CA LEU E 83 -14.64 -2.75 3.39
C LEU E 83 -13.26 -2.55 4.03
N GLN E 84 -13.07 -1.43 4.73
CA GLN E 84 -11.79 -1.19 5.40
C GLN E 84 -11.49 -2.22 6.49
N LEU E 85 -12.49 -2.56 7.31
CA LEU E 85 -12.30 -3.62 8.30
C LEU E 85 -11.92 -4.95 7.64
N ALA E 86 -12.66 -5.34 6.61
CA ALA E 86 -12.34 -6.57 5.88
C ALA E 86 -10.93 -6.55 5.29
N ILE E 87 -10.53 -5.43 4.69
CA ILE E 87 -9.20 -5.33 4.08
C ILE E 87 -8.10 -5.41 5.12
N ARG E 88 -8.24 -4.65 6.22
CA ARG E 88 -7.16 -4.57 7.20
C ARG E 88 -7.07 -5.80 8.08
N ASN E 89 -8.18 -6.51 8.28
CA ASN E 89 -8.17 -7.80 8.98
C ASN E 89 -7.67 -8.97 8.15
N ASP E 90 -7.44 -8.79 6.84
CA ASP E 90 -6.98 -9.87 5.98
C ASP E 90 -5.53 -9.68 5.62
N GLU E 91 -4.71 -10.69 5.88
CA GLU E 91 -3.26 -10.60 5.75
C GLU E 91 -2.81 -10.42 4.30
N GLU E 92 -3.68 -10.72 3.33
CA GLU E 92 -3.34 -10.59 1.91
C GLU E 92 -3.97 -9.37 1.26
N LEU E 93 -5.22 -9.05 1.57
CA LEU E 93 -5.81 -7.80 1.15
C LEU E 93 -5.07 -6.60 1.75
N ASN E 94 -4.59 -6.74 2.98
CA ASN E 94 -3.75 -5.69 3.56
C ASN E 94 -2.35 -5.65 2.95
N LYS E 95 -1.91 -6.71 2.30
CA LYS E 95 -0.70 -6.59 1.49
C LYS E 95 -0.99 -5.93 0.15
N LEU E 96 -2.09 -6.31 -0.48
CA LEU E 96 -2.46 -5.75 -1.77
C LEU E 96 -2.82 -4.27 -1.67
N LEU E 97 -3.45 -3.87 -0.58
CA LEU E 97 -3.94 -2.50 -0.39
C LEU E 97 -3.24 -1.79 0.76
N GLY E 98 -2.01 -2.17 1.07
CA GLY E 98 -1.30 -1.65 2.22
C GLY E 98 -0.94 -0.18 2.11
N ARG E 99 -0.94 0.38 0.90
CA ARG E 99 -0.70 1.79 0.68
C ARG E 99 -1.89 2.48 0.00
N VAL E 100 -3.09 2.00 0.30
CA VAL E 100 -4.33 2.52 -0.25
C VAL E 100 -5.16 3.10 0.89
N THR E 101 -5.79 4.24 0.64
CA THR E 101 -6.61 4.95 1.60
C THR E 101 -8.07 4.88 1.18
N ILE E 102 -8.94 4.60 2.14
CA ILE E 102 -10.37 4.39 1.88
C ILE E 102 -11.16 5.50 2.54
N ALA E 103 -11.90 6.23 1.72
CA ALA E 103 -12.81 7.26 2.20
C ALA E 103 -13.80 6.72 3.21
N GLN E 104 -13.86 7.36 4.38
CA GLN E 104 -14.67 6.90 5.51
C GLN E 104 -14.38 5.46 5.92
N GLY E 105 -13.16 4.99 5.66
CA GLY E 105 -12.79 3.66 6.13
C GLY E 105 -12.53 3.62 7.62
N GLY E 106 -11.95 4.69 8.16
CA GLY E 106 -11.49 4.74 9.53
C GLY E 106 -10.24 3.93 9.77
N VAL E 107 -10.10 3.44 11.01
CA VAL E 107 -8.95 2.66 11.42
C VAL E 107 -9.43 1.40 12.14
N LEU E 108 -8.53 0.44 12.26
CA LEU E 108 -8.74 -0.69 13.17
C LEU E 108 -8.72 -0.19 14.61
N PRO E 109 -9.70 -0.58 15.42
CA PRO E 109 -9.56 -0.40 16.88
C PRO E 109 -8.32 -1.08 17.42
N ASN E 110 -7.36 -0.29 17.91
CA ASN E 110 -6.04 -0.82 18.24
C ASN E 110 -5.39 0.14 19.24
N ILE E 111 -5.38 -0.26 20.51
CA ILE E 111 -4.73 0.49 21.59
C ILE E 111 -3.49 -0.27 22.03
N GLN E 112 -2.35 0.41 22.04
CA GLN E 112 -1.11 -0.21 22.50
C GLN E 112 -1.24 -0.59 23.98
N ALA E 113 -0.88 -1.84 24.29
CA ALA E 113 -1.19 -2.39 25.62
C ALA E 113 -0.49 -1.63 26.73
N VAL E 114 0.70 -1.08 26.46
CA VAL E 114 1.41 -0.23 27.40
C VAL E 114 0.61 0.99 27.82
N LEU E 115 -0.39 1.38 27.04
CA LEU E 115 -1.22 2.53 27.35
C LEU E 115 -2.46 2.18 28.16
N LEU E 116 -2.83 0.91 28.24
CA LEU E 116 -4.00 0.52 29.02
C LEU E 116 -3.76 0.75 30.51
N PRO E 117 -4.82 0.97 31.29
CA PRO E 117 -4.66 1.30 32.70
C PRO E 117 -4.07 0.14 33.50
N LYS E 118 -3.07 0.45 34.31
CA LYS E 118 -2.26 -0.56 34.97
C LYS E 118 -3.05 -1.24 36.10
N LYS E 119 -2.79 -2.53 36.27
CA LYS E 119 -3.48 -3.32 37.29
C LYS E 119 -2.59 -3.52 38.51
N ARG F 33 -21.61 9.85 -21.38
CA ARG F 33 -21.90 8.53 -20.85
C ARG F 33 -20.69 7.96 -20.09
N LYS F 34 -20.83 7.85 -18.78
CA LYS F 34 -19.74 7.45 -17.90
C LYS F 34 -19.95 6.00 -17.46
N GLU F 35 -18.88 5.21 -17.56
CA GLU F 35 -18.96 3.76 -17.39
C GLU F 35 -18.46 3.34 -16.02
N SER F 36 -19.24 2.49 -15.34
CA SER F 36 -18.95 2.05 -13.99
C SER F 36 -19.19 0.54 -13.89
N TYR F 37 -18.29 -0.14 -13.15
CA TYR F 37 -18.41 -1.57 -12.90
C TYR F 37 -19.52 -1.92 -11.91
N SER F 38 -20.30 -0.94 -11.45
CA SER F 38 -21.23 -1.16 -10.34
C SER F 38 -22.23 -2.27 -10.64
N VAL F 39 -22.69 -2.36 -11.89
CA VAL F 39 -23.60 -3.45 -12.28
C VAL F 39 -22.93 -4.82 -12.13
N TYR F 40 -21.64 -4.92 -12.43
CA TYR F 40 -20.95 -6.20 -12.31
C TYR F 40 -20.53 -6.52 -10.89
N VAL F 41 -20.10 -5.52 -10.12
CA VAL F 41 -19.86 -5.68 -8.69
C VAL F 41 -21.11 -6.20 -7.98
N TYR F 42 -22.28 -5.66 -8.31
CA TYR F 42 -23.53 -6.10 -7.70
C TYR F 42 -23.90 -7.53 -8.08
N LYS F 43 -23.58 -7.97 -9.30
CA LYS F 43 -23.79 -9.38 -9.65
C LYS F 43 -22.85 -10.31 -8.90
N VAL F 44 -21.60 -9.90 -8.69
CA VAL F 44 -20.69 -10.65 -7.84
C VAL F 44 -21.17 -10.68 -6.39
N LEU F 45 -21.70 -9.56 -5.91
CA LEU F 45 -22.23 -9.49 -4.55
C LEU F 45 -23.29 -10.55 -4.27
N LYS F 46 -24.29 -10.67 -5.15
CA LYS F 46 -25.32 -11.68 -4.97
C LYS F 46 -24.83 -13.11 -5.13
N GLN F 47 -23.60 -13.33 -5.60
CA GLN F 47 -23.01 -14.66 -5.62
C GLN F 47 -22.08 -14.92 -4.44
N VAL F 48 -21.91 -13.97 -3.54
CA VAL F 48 -21.21 -14.23 -2.28
C VAL F 48 -22.13 -14.04 -1.08
N HIS F 49 -23.11 -13.15 -1.19
CA HIS F 49 -24.03 -12.86 -0.08
C HIS F 49 -25.37 -12.42 -0.63
N PRO F 50 -26.24 -13.37 -1.01
CA PRO F 50 -27.51 -12.99 -1.65
C PRO F 50 -28.36 -12.03 -0.84
N ASP F 51 -28.24 -12.04 0.48
CA ASP F 51 -29.01 -11.14 1.33
C ASP F 51 -28.42 -9.73 1.41
N THR F 52 -27.14 -9.56 1.12
CA THR F 52 -26.40 -8.37 1.50
C THR F 52 -26.47 -7.32 0.41
N GLY F 53 -26.47 -6.05 0.83
CA GLY F 53 -26.50 -4.93 -0.08
C GLY F 53 -25.19 -4.15 -0.04
N ILE F 54 -25.19 -3.02 -0.74
CA ILE F 54 -24.06 -2.11 -0.69
C ILE F 54 -24.54 -0.68 -0.86
N SER F 55 -23.87 0.24 -0.18
CA SER F 55 -24.10 1.67 -0.38
C SER F 55 -23.38 2.16 -1.63
N SER F 56 -23.96 3.18 -2.26
CA SER F 56 -23.31 3.81 -3.41
C SER F 56 -21.93 4.36 -3.04
N LYS F 57 -21.76 4.80 -1.80
CA LYS F 57 -20.46 5.26 -1.33
C LYS F 57 -19.45 4.12 -1.22
N ALA F 58 -19.88 2.96 -0.74
CA ALA F 58 -19.04 1.75 -0.77
C ALA F 58 -18.82 1.24 -2.19
N MET F 59 -19.85 1.32 -3.03
CA MET F 59 -19.70 0.96 -4.43
C MET F 59 -18.66 1.82 -5.15
N GLY F 60 -18.63 3.12 -4.86
CA GLY F 60 -17.56 3.97 -5.36
C GLY F 60 -16.17 3.49 -4.98
N ILE F 61 -16.01 2.93 -3.77
CA ILE F 61 -14.73 2.33 -3.40
C ILE F 61 -14.48 1.05 -4.20
N MET F 62 -15.51 0.22 -4.38
CA MET F 62 -15.36 -0.99 -5.18
C MET F 62 -14.99 -0.67 -6.62
N ASN F 63 -15.69 0.28 -7.24
CA ASN F 63 -15.34 0.73 -8.58
C ASN F 63 -13.93 1.31 -8.65
N SER F 64 -13.50 2.02 -7.61
CA SER F 64 -12.12 2.49 -7.52
C SER F 64 -11.13 1.33 -7.40
N PHE F 65 -11.49 0.29 -6.65
CA PHE F 65 -10.62 -0.88 -6.53
C PHE F 65 -10.48 -1.63 -7.85
N VAL F 66 -11.60 -1.88 -8.54
CA VAL F 66 -11.57 -2.60 -9.81
C VAL F 66 -10.71 -1.86 -10.83
N ASN F 67 -10.95 -0.54 -10.98
CA ASN F 67 -10.12 0.27 -11.85
C ASN F 67 -8.65 0.26 -11.44
N ASP F 68 -8.36 0.33 -10.13
CA ASP F 68 -6.97 0.34 -9.70
C ASP F 68 -6.26 -0.99 -9.94
N ILE F 69 -6.95 -2.11 -9.76
CA ILE F 69 -6.30 -3.39 -10.00
C ILE F 69 -6.26 -3.76 -11.47
N PHE F 70 -7.26 -3.36 -12.26
CA PHE F 70 -7.14 -3.41 -13.71
C PHE F 70 -5.91 -2.66 -14.22
N GLU F 71 -5.77 -1.39 -13.83
CA GLU F 71 -4.63 -0.58 -14.20
C GLU F 71 -3.28 -1.19 -13.78
N ARG F 72 -3.20 -1.75 -12.57
CA ARG F 72 -1.95 -2.33 -12.12
C ARG F 72 -1.57 -3.59 -12.88
N ILE F 73 -2.54 -4.49 -13.14
CA ILE F 73 -2.24 -5.70 -13.91
C ILE F 73 -1.93 -5.34 -15.36
N ALA F 74 -2.81 -4.57 -15.99
CA ALA F 74 -2.61 -4.16 -17.37
C ALA F 74 -1.29 -3.43 -17.57
N GLY F 75 -0.94 -2.53 -16.64
CA GLY F 75 0.35 -1.86 -16.70
C GLY F 75 1.54 -2.80 -16.56
N GLU F 76 1.44 -3.83 -15.72
CA GLU F 76 2.53 -4.79 -15.66
C GLU F 76 2.56 -5.73 -16.85
N ALA F 77 1.38 -6.14 -17.36
CA ALA F 77 1.34 -6.91 -18.60
C ALA F 77 1.93 -6.14 -19.77
N SER F 78 1.63 -4.84 -19.85
CA SER F 78 2.27 -3.95 -20.80
C SER F 78 3.79 -3.97 -20.67
N ARG F 79 4.30 -3.85 -19.44
CA ARG F 79 5.74 -3.92 -19.23
C ARG F 79 6.29 -5.30 -19.58
N LEU F 80 5.57 -6.36 -19.24
CA LEU F 80 6.03 -7.72 -19.57
C LEU F 80 6.15 -7.90 -21.09
N ALA F 81 5.16 -7.44 -21.83
CA ALA F 81 5.24 -7.42 -23.29
C ALA F 81 6.48 -6.67 -23.78
N HIS F 82 6.62 -5.41 -23.36
CA HIS F 82 7.76 -4.60 -23.77
C HIS F 82 9.10 -5.23 -23.39
N TYR F 83 9.21 -5.73 -22.16
CA TYR F 83 10.47 -6.38 -21.75
C TYR F 83 10.83 -7.54 -22.67
N ASN F 84 9.83 -8.22 -23.23
CA ASN F 84 10.06 -9.36 -24.11
C ASN F 84 9.95 -9.00 -25.59
N LYS F 85 9.78 -7.72 -25.91
CA LYS F 85 9.71 -7.24 -27.29
C LYS F 85 8.56 -7.89 -28.05
N ARG F 86 7.43 -8.08 -27.38
CA ARG F 86 6.24 -8.65 -27.97
C ARG F 86 5.18 -7.58 -28.15
N SER F 87 4.52 -7.58 -29.30
CA SER F 87 3.51 -6.58 -29.61
C SER F 87 2.15 -6.90 -29.00
N THR F 88 1.94 -8.11 -28.48
CA THR F 88 0.63 -8.58 -28.05
C THR F 88 0.59 -8.78 -26.55
N ILE F 89 -0.40 -8.19 -25.90
CA ILE F 89 -0.81 -8.60 -24.55
C ILE F 89 -1.47 -9.98 -24.65
N THR F 90 -0.76 -11.02 -24.22
CA THR F 90 -1.31 -12.36 -24.19
C THR F 90 -1.82 -12.70 -22.79
N SER F 91 -2.59 -13.79 -22.71
CA SER F 91 -3.02 -14.31 -21.42
C SER F 91 -1.85 -14.76 -20.56
N ARG F 92 -0.78 -15.27 -21.19
CA ARG F 92 0.47 -15.54 -20.48
C ARG F 92 1.04 -14.31 -19.80
N GLU F 93 0.74 -13.12 -20.32
CA GLU F 93 1.19 -11.88 -19.71
C GLU F 93 0.25 -11.33 -18.64
N ILE F 94 -1.05 -11.60 -18.74
CA ILE F 94 -1.93 -11.42 -17.59
C ILE F 94 -1.56 -12.37 -16.46
N GLN F 95 -1.28 -13.64 -16.78
CA GLN F 95 -0.91 -14.61 -15.75
C GLN F 95 0.36 -14.21 -15.00
N THR F 96 1.41 -13.83 -15.72
CA THR F 96 2.64 -13.43 -15.06
C THR F 96 2.49 -12.11 -14.30
N ALA F 97 1.66 -11.20 -14.80
CA ALA F 97 1.34 -9.99 -14.03
C ALA F 97 0.67 -10.34 -12.70
N VAL F 98 -0.33 -11.23 -12.75
CA VAL F 98 -1.04 -11.62 -11.53
C VAL F 98 -0.11 -12.34 -10.56
N ARG F 99 0.82 -13.15 -11.08
CA ARG F 99 1.83 -13.75 -10.22
C ARG F 99 2.82 -12.74 -9.67
N LEU F 100 3.17 -11.72 -10.44
CA LEU F 100 4.00 -10.64 -9.92
C LEU F 100 3.24 -9.77 -8.92
N LEU F 101 1.99 -9.42 -9.22
CA LEU F 101 1.30 -8.38 -8.49
C LEU F 101 0.60 -8.87 -7.22
N LEU F 102 -0.11 -10.00 -7.29
CA LEU F 102 -0.86 -10.42 -6.13
C LEU F 102 0.00 -11.19 -5.13
N PRO F 103 -0.32 -11.11 -3.84
CA PRO F 103 0.39 -11.90 -2.84
C PRO F 103 -0.19 -13.29 -2.62
N GLY F 104 0.72 -14.24 -2.44
CA GLY F 104 0.39 -15.52 -1.82
C GLY F 104 -0.80 -16.26 -2.40
N GLU F 105 -1.74 -16.61 -1.52
CA GLU F 105 -2.90 -17.41 -1.88
C GLU F 105 -3.89 -16.67 -2.78
N LEU F 106 -3.89 -15.34 -2.78
CA LEU F 106 -4.66 -14.62 -3.79
C LEU F 106 -4.14 -14.88 -5.20
N ALA F 107 -2.82 -14.89 -5.38
CA ALA F 107 -2.22 -15.14 -6.68
C ALA F 107 -2.58 -16.52 -7.23
N LYS F 108 -2.48 -17.55 -6.39
CA LYS F 108 -2.73 -18.91 -6.84
C LYS F 108 -4.20 -19.17 -7.19
N HIS F 109 -5.14 -18.67 -6.39
CA HIS F 109 -6.54 -18.80 -6.77
C HIS F 109 -6.92 -17.93 -7.97
N ALA F 110 -6.34 -16.73 -8.07
CA ALA F 110 -6.58 -15.89 -9.24
C ALA F 110 -6.09 -16.56 -10.53
N VAL F 111 -4.88 -17.13 -10.49
CA VAL F 111 -4.37 -17.89 -11.63
C VAL F 111 -5.28 -19.08 -11.98
N SER F 112 -5.79 -19.77 -10.96
CA SER F 112 -6.75 -20.85 -11.20
C SER F 112 -8.00 -20.36 -11.93
N GLU F 113 -8.68 -19.36 -11.37
CA GLU F 113 -9.96 -18.92 -11.94
C GLU F 113 -9.79 -18.27 -13.32
N GLY F 114 -8.66 -17.61 -13.56
CA GLY F 114 -8.38 -17.13 -14.91
C GLY F 114 -8.21 -18.24 -15.93
N THR F 115 -7.41 -19.25 -15.59
CA THR F 115 -7.17 -20.37 -16.48
C THR F 115 -8.44 -21.18 -16.75
N LYS F 116 -9.30 -21.33 -15.74
CA LYS F 116 -10.61 -21.93 -15.97
C LYS F 116 -11.44 -21.12 -16.96
N ALA F 117 -11.53 -19.81 -16.75
CA ALA F 117 -12.31 -18.95 -17.64
C ALA F 117 -11.79 -19.00 -19.07
N VAL F 118 -10.46 -18.90 -19.26
CA VAL F 118 -9.88 -19.02 -20.60
C VAL F 118 -10.15 -20.38 -21.21
N THR F 119 -10.12 -21.45 -20.41
CA THR F 119 -10.45 -22.77 -20.93
C THR F 119 -11.90 -22.85 -21.37
N LYS F 120 -12.82 -22.39 -20.52
CA LYS F 120 -14.23 -22.38 -20.87
C LYS F 120 -14.50 -21.53 -22.10
N TYR F 121 -13.83 -20.39 -22.22
CA TYR F 121 -13.94 -19.55 -23.41
C TYR F 121 -13.49 -20.30 -24.66
N THR F 122 -12.31 -20.90 -24.62
CA THR F 122 -11.83 -21.65 -25.78
C THR F 122 -12.73 -22.83 -26.11
N SER F 123 -13.19 -23.57 -25.10
CA SER F 123 -14.03 -24.74 -25.33
C SER F 123 -15.43 -24.36 -25.81
N SER F 124 -16.02 -23.30 -25.27
CA SER F 124 -17.42 -23.00 -25.56
C SER F 124 -17.62 -22.56 -27.00
N LYS F 125 -16.89 -21.54 -27.42
CA LYS F 125 -16.89 -21.13 -28.83
C LYS F 125 -15.76 -20.16 -29.14
N LYS G 37 -19.43 17.04 46.55
CA LYS G 37 -18.24 17.09 45.72
C LYS G 37 -18.41 16.20 44.49
N PRO G 38 -18.28 16.79 43.30
CA PRO G 38 -18.43 16.01 42.08
C PRO G 38 -17.25 15.09 41.81
N HIS G 39 -17.52 14.06 41.00
CA HIS G 39 -16.55 13.07 40.61
C HIS G 39 -15.48 13.67 39.69
N ARG G 40 -14.33 13.00 39.64
CA ARG G 40 -13.27 13.34 38.69
C ARG G 40 -12.48 12.09 38.37
N TYR G 41 -12.46 11.71 37.09
CA TYR G 41 -11.66 10.57 36.65
C TYR G 41 -10.16 10.87 36.73
N ARG G 42 -9.39 9.80 36.80
CA ARG G 42 -7.94 9.89 36.88
C ARG G 42 -7.36 10.33 35.54
N PRO G 43 -6.26 11.09 35.55
CA PRO G 43 -5.53 11.40 34.31
C PRO G 43 -5.21 10.18 33.45
N GLY G 44 -5.65 10.20 32.19
CA GLY G 44 -5.52 9.07 31.30
C GLY G 44 -6.77 8.23 31.13
N THR G 45 -7.76 8.38 32.01
CA THR G 45 -9.01 7.64 31.85
C THR G 45 -9.80 8.12 30.64
N VAL G 46 -9.97 9.43 30.51
CA VAL G 46 -10.76 9.97 29.39
C VAL G 46 -9.99 9.96 28.08
N ALA G 47 -8.66 10.06 28.12
CA ALA G 47 -7.85 9.78 26.94
C ALA G 47 -8.15 8.42 26.31
N LEU G 48 -8.28 7.39 27.14
CA LEU G 48 -8.62 6.06 26.63
C LEU G 48 -10.05 6.00 26.10
N ARG G 49 -10.99 6.66 26.78
CA ARG G 49 -12.35 6.78 26.26
C ARG G 49 -12.39 7.48 24.91
N GLU G 50 -11.59 8.54 24.75
CA GLU G 50 -11.54 9.25 23.48
C GLU G 50 -10.86 8.45 22.36
N ILE G 51 -9.78 7.74 22.68
CA ILE G 51 -9.21 6.80 21.72
C ILE G 51 -10.24 5.76 21.27
N ARG G 52 -10.89 5.10 22.23
CA ARG G 52 -11.89 4.09 21.88
C ARG G 52 -13.07 4.64 21.10
N ARG G 53 -13.40 5.93 21.28
CA ARG G 53 -14.41 6.56 20.43
C ARG G 53 -13.90 6.82 19.02
N TYR G 54 -12.79 7.55 18.90
CA TYR G 54 -12.32 7.98 17.58
C TYR G 54 -11.68 6.88 16.76
N GLN G 55 -11.23 5.78 17.38
CA GLN G 55 -10.88 4.62 16.59
C GLN G 55 -12.10 3.82 16.14
N LYS G 56 -13.26 4.09 16.71
CA LYS G 56 -14.49 3.42 16.28
C LYS G 56 -15.24 4.21 15.21
N SER G 57 -15.21 5.53 15.27
CA SER G 57 -15.90 6.38 14.31
C SER G 57 -15.08 6.59 13.04
N THR G 58 -15.76 7.08 12.00
CA THR G 58 -15.19 7.31 10.69
C THR G 58 -15.36 8.73 10.19
N GLU G 59 -16.34 9.47 10.70
CA GLU G 59 -16.56 10.87 10.32
C GLU G 59 -15.28 11.70 10.47
N LEU G 60 -15.21 12.76 9.65
CA LEU G 60 -14.03 13.61 9.56
C LEU G 60 -13.88 14.48 10.80
N LEU G 61 -12.63 14.65 11.23
CA LEU G 61 -12.30 15.27 12.51
C LEU G 61 -11.88 16.73 12.40
N ILE G 62 -11.32 17.16 11.27
CA ILE G 62 -11.12 18.59 11.00
C ILE G 62 -12.41 19.23 10.56
N ARG G 63 -12.62 20.47 10.98
CA ARG G 63 -13.79 21.25 10.59
C ARG G 63 -13.77 21.52 9.09
N LYS G 64 -14.95 21.59 8.49
CA LYS G 64 -15.08 21.75 7.05
C LYS G 64 -14.59 23.10 6.52
N LEU G 65 -15.30 24.17 6.89
CA LEU G 65 -14.98 25.51 6.37
C LEU G 65 -13.58 25.99 6.71
N PRO G 66 -13.01 25.73 7.89
CA PRO G 66 -11.60 26.04 8.11
C PRO G 66 -10.63 25.32 7.18
N PHE G 67 -10.95 24.11 6.73
CA PHE G 67 -10.09 23.42 5.77
C PHE G 67 -10.25 23.96 4.34
N GLN G 68 -11.46 24.33 3.93
CA GLN G 68 -11.64 25.00 2.65
C GLN G 68 -10.77 26.24 2.55
N ARG G 69 -10.79 27.09 3.58
CA ARG G 69 -9.96 28.29 3.56
C ARG G 69 -8.47 27.97 3.54
N LEU G 70 -8.05 26.91 4.23
CA LEU G 70 -6.66 26.47 4.14
C LEU G 70 -6.29 26.00 2.73
N VAL G 71 -7.18 25.27 2.05
CA VAL G 71 -6.90 24.83 0.69
C VAL G 71 -6.82 26.02 -0.27
N ARG G 72 -7.82 26.90 -0.22
CA ARG G 72 -7.83 28.09 -1.07
C ARG G 72 -6.68 29.04 -0.75
N GLU G 73 -6.33 29.18 0.52
CA GLU G 73 -5.13 29.92 0.88
C GLU G 73 -3.86 29.34 0.26
N ILE G 74 -3.72 28.01 0.27
CA ILE G 74 -2.56 27.40 -0.38
C ILE G 74 -2.63 27.57 -1.89
N ALA G 75 -3.81 27.37 -2.48
CA ALA G 75 -3.98 27.44 -3.92
C ALA G 75 -3.62 28.80 -4.49
N GLN G 76 -3.87 29.88 -3.73
CA GLN G 76 -3.54 31.23 -4.19
C GLN G 76 -2.08 31.37 -4.64
N ASP G 77 -1.16 30.68 -3.97
CA ASP G 77 0.24 30.77 -4.39
C ASP G 77 0.50 30.14 -5.75
N PHE G 78 -0.34 29.20 -6.17
CA PHE G 78 -0.10 28.48 -7.42
C PHE G 78 -0.83 29.07 -8.62
N LYS G 79 -2.09 29.49 -8.46
CA LYS G 79 -2.76 30.21 -9.53
C LYS G 79 -3.98 30.93 -8.98
N THR G 80 -4.13 32.20 -9.37
CA THR G 80 -5.29 33.00 -9.03
C THR G 80 -6.55 32.51 -9.73
N ASP G 81 -7.70 32.71 -9.06
CA ASP G 81 -9.02 32.34 -9.55
C ASP G 81 -9.13 30.87 -9.92
N LEU G 82 -8.29 30.01 -9.33
CA LEU G 82 -8.61 28.60 -9.28
C LEU G 82 -9.92 28.38 -8.54
N ARG G 83 -10.62 27.32 -8.93
CA ARG G 83 -11.78 26.85 -8.20
C ARG G 83 -11.55 25.40 -7.79
N PHE G 84 -12.25 24.99 -6.74
CA PHE G 84 -12.29 23.59 -6.35
C PHE G 84 -13.74 23.13 -6.33
N GLN G 85 -14.01 21.99 -6.94
CA GLN G 85 -15.25 21.27 -6.66
C GLN G 85 -15.32 20.94 -5.18
N SER G 86 -16.55 20.88 -4.66
CA SER G 86 -16.76 20.41 -3.29
C SER G 86 -16.17 19.02 -3.08
N SER G 87 -16.35 18.12 -4.04
CA SER G 87 -15.69 16.82 -3.99
C SER G 87 -14.17 16.91 -4.06
N ALA G 88 -13.62 17.96 -4.67
CA ALA G 88 -12.17 18.10 -4.72
C ALA G 88 -11.57 18.50 -3.39
N VAL G 89 -12.27 19.32 -2.61
CA VAL G 89 -11.80 19.59 -1.25
C VAL G 89 -12.10 18.43 -0.31
N MET G 90 -13.27 17.79 -0.45
CA MET G 90 -13.59 16.64 0.39
C MET G 90 -12.67 15.45 0.10
N ALA G 91 -12.28 15.27 -1.16
CA ALA G 91 -11.24 14.29 -1.48
C ALA G 91 -9.94 14.60 -0.77
N LEU G 92 -9.69 15.88 -0.51
CA LEU G 92 -8.41 16.35 0.01
C LEU G 92 -8.35 16.40 1.53
N GLN G 93 -9.47 16.62 2.21
CA GLN G 93 -9.58 16.29 3.63
C GLN G 93 -9.27 14.82 3.90
N GLU G 94 -9.93 13.91 3.19
CA GLU G 94 -9.74 12.48 3.40
C GLU G 94 -8.29 12.06 3.25
N ALA G 95 -7.61 12.57 2.24
CA ALA G 95 -6.19 12.25 2.04
C ALA G 95 -5.30 12.75 3.19
N CYS G 96 -5.50 14.00 3.62
CA CYS G 96 -4.62 14.56 4.64
C CYS G 96 -4.92 14.09 6.06
N GLU G 97 -6.20 13.90 6.39
CA GLU G 97 -6.54 13.32 7.69
C GLU G 97 -5.98 11.90 7.83
N ALA G 98 -6.09 11.10 6.78
CA ALA G 98 -5.45 9.79 6.78
C ALA G 98 -3.94 9.91 6.88
N TYR G 99 -3.35 10.94 6.26
CA TYR G 99 -1.92 11.17 6.42
C TYR G 99 -1.54 11.51 7.86
N LEU G 100 -2.31 12.39 8.51
CA LEU G 100 -2.02 12.78 9.88
C LEU G 100 -2.29 11.64 10.87
N VAL G 101 -3.45 11.00 10.75
CA VAL G 101 -3.76 9.83 11.59
C VAL G 101 -2.70 8.75 11.44
N GLY G 102 -2.32 8.44 10.20
CA GLY G 102 -1.28 7.45 9.98
C GLY G 102 0.08 7.86 10.50
N LEU G 103 0.38 9.16 10.51
CA LEU G 103 1.62 9.63 11.11
C LEU G 103 1.60 9.55 12.63
N PHE G 104 0.50 9.95 13.27
CA PHE G 104 0.37 9.85 14.71
C PHE G 104 0.63 8.43 15.23
N GLU G 105 0.07 7.44 14.57
CA GLU G 105 0.34 6.03 14.92
C GLU G 105 1.84 5.73 14.91
N ASP G 106 2.55 6.15 13.86
CA ASP G 106 3.99 5.94 13.83
C ASP G 106 4.74 6.73 14.89
N THR G 107 4.27 7.95 15.22
CA THR G 107 4.92 8.73 16.27
C THR G 107 4.63 8.18 17.66
N ASN G 108 3.41 7.68 17.87
CA ASN G 108 3.09 6.99 19.12
C ASN G 108 4.00 5.79 19.36
N LEU G 109 4.31 5.04 18.30
CA LEU G 109 5.29 3.96 18.41
C LEU G 109 6.69 4.49 18.74
N CYS G 110 7.04 5.66 18.21
CA CYS G 110 8.31 6.28 18.58
C CYS G 110 8.30 6.79 20.01
N ALA G 111 7.16 7.28 20.49
CA ALA G 111 7.06 7.67 21.90
C ALA G 111 7.24 6.48 22.83
N ILE G 112 6.45 5.42 22.64
CA ILE G 112 6.56 4.24 23.49
C ILE G 112 7.87 3.50 23.31
N HIS G 113 8.60 3.75 22.22
CA HIS G 113 9.97 3.25 22.11
C HIS G 113 10.94 4.01 22.99
N ALA G 114 10.72 5.31 23.18
CA ALA G 114 11.44 6.06 24.20
C ALA G 114 10.86 5.86 25.59
N LYS G 115 9.96 4.89 25.76
CA LYS G 115 9.35 4.55 27.04
C LYS G 115 8.51 5.70 27.59
N ARG G 116 7.97 6.51 26.69
CA ARG G 116 7.10 7.63 27.05
C ARG G 116 5.66 7.30 26.68
N VAL G 117 4.74 7.66 27.58
CA VAL G 117 3.33 7.74 27.22
C VAL G 117 3.04 8.97 26.37
N THR G 118 3.97 9.92 26.34
CA THR G 118 3.76 11.23 25.74
C THR G 118 4.49 11.31 24.41
N ILE G 119 3.76 11.67 23.36
CA ILE G 119 4.36 12.01 22.07
C ILE G 119 4.88 13.43 22.10
N MET G 120 6.02 13.64 21.45
CA MET G 120 6.76 14.89 21.45
C MET G 120 7.25 15.16 20.05
N PRO G 121 7.58 16.41 19.73
CA PRO G 121 7.94 16.74 18.33
C PRO G 121 9.06 15.90 17.73
N LYS G 122 10.08 15.55 18.51
CA LYS G 122 11.13 14.67 18.02
C LYS G 122 10.64 13.27 17.67
N ASP G 123 9.45 12.88 18.15
CA ASP G 123 8.84 11.65 17.65
C ASP G 123 8.31 11.81 16.23
N ILE G 124 7.59 12.91 15.97
CA ILE G 124 7.22 13.27 14.60
C ILE G 124 8.44 13.34 13.70
N GLN G 125 9.50 13.99 14.17
CA GLN G 125 10.72 14.13 13.37
C GLN G 125 11.39 12.79 13.11
N LEU G 126 11.42 11.89 14.10
CA LEU G 126 11.96 10.56 13.87
C LEU G 126 11.13 9.77 12.87
N ALA G 127 9.81 9.71 13.10
CA ALA G 127 8.92 8.95 12.23
C ALA G 127 9.06 9.36 10.78
N ARG G 128 8.93 10.66 10.50
CA ARG G 128 9.09 11.16 9.14
C ARG G 128 10.47 10.88 8.57
N ARG G 129 11.52 11.00 9.39
CA ARG G 129 12.87 10.74 8.90
C ARG G 129 13.08 9.27 8.55
N ILE G 130 12.47 8.36 9.31
CA ILE G 130 12.53 6.93 8.95
C ILE G 130 11.74 6.67 7.68
N ARG G 131 10.60 7.32 7.51
CA ARG G 131 9.80 7.30 6.28
C ARG G 131 10.47 7.98 5.10
N GLY G 132 11.68 8.52 5.25
CA GLY G 132 12.33 9.24 4.16
C GLY G 132 11.70 10.55 3.82
N GLU G 133 11.02 11.17 4.79
CA GLU G 133 10.13 12.29 4.57
C GLU G 133 10.59 13.51 5.34
N ARG G 134 11.71 13.40 6.06
CA ARG G 134 12.34 14.50 6.78
C ARG G 134 13.82 14.19 6.99
N ARG H 23 -3.64 36.10 6.72
CA ARG H 23 -4.73 35.14 6.63
C ARG H 23 -4.46 33.89 7.48
N ASP H 24 -3.34 33.20 7.23
CA ASP H 24 -2.76 32.21 8.14
C ASP H 24 -3.80 31.21 8.65
N ASN H 25 -4.63 30.71 7.74
CA ASN H 25 -5.68 29.75 8.06
C ASN H 25 -5.15 28.41 8.56
N ILE H 26 -3.84 28.18 8.51
CA ILE H 26 -3.26 27.01 9.18
C ILE H 26 -3.53 27.03 10.67
N GLN H 27 -3.67 28.22 11.28
CA GLN H 27 -4.11 28.32 12.67
C GLN H 27 -5.57 27.95 12.86
N GLY H 28 -6.34 27.81 11.79
CA GLY H 28 -7.68 27.26 11.87
C GLY H 28 -7.74 25.76 12.07
N ILE H 29 -6.61 25.07 11.99
CA ILE H 29 -6.51 23.67 12.43
C ILE H 29 -6.26 23.65 13.93
N THR H 30 -7.35 23.66 14.70
CA THR H 30 -7.29 23.94 16.13
C THR H 30 -6.70 22.76 16.90
N LYS H 31 -6.30 23.05 18.14
CA LYS H 31 -5.77 22.00 19.02
C LYS H 31 -6.73 20.84 19.23
N PRO H 32 -8.04 21.03 19.47
CA PRO H 32 -8.93 19.87 19.55
C PRO H 32 -8.95 18.99 18.31
N ALA H 33 -8.96 19.60 17.11
CA ALA H 33 -8.93 18.81 15.89
C ALA H 33 -7.65 17.98 15.78
N ILE H 34 -6.51 18.57 16.11
CA ILE H 34 -5.27 17.81 16.13
C ILE H 34 -5.29 16.75 17.22
N ARG H 35 -5.94 17.06 18.34
CA ARG H 35 -6.10 16.08 19.42
C ARG H 35 -6.93 14.88 18.99
N ARG H 36 -8.09 15.12 18.38
CA ARG H 36 -8.91 14.03 17.87
C ARG H 36 -8.18 13.16 16.84
N LEU H 37 -7.43 13.77 15.94
CA LEU H 37 -6.60 12.98 15.02
C LEU H 37 -5.62 12.10 15.76
N ALA H 38 -5.03 12.61 16.85
CA ALA H 38 -4.13 11.81 17.68
C ALA H 38 -4.85 10.71 18.45
N ARG H 39 -6.10 10.93 18.87
CA ARG H 39 -6.87 9.86 19.50
C ARG H 39 -7.16 8.71 18.54
N ARG H 40 -7.61 9.03 17.32
CA ARG H 40 -7.71 8.00 16.29
C ARG H 40 -6.36 7.37 15.99
N GLY H 41 -5.28 8.12 16.13
CA GLY H 41 -3.97 7.51 16.09
C GLY H 41 -3.58 6.74 17.33
N GLY H 42 -4.45 6.64 18.32
CA GLY H 42 -4.14 5.87 19.51
C GLY H 42 -3.15 6.52 20.46
N VAL H 43 -3.06 7.85 20.46
CA VAL H 43 -2.09 8.56 21.29
C VAL H 43 -2.75 8.91 22.62
N LYS H 44 -2.05 8.61 23.72
CA LYS H 44 -2.58 8.86 25.06
C LYS H 44 -2.25 10.24 25.59
N ARG H 45 -0.98 10.63 25.58
CA ARG H 45 -0.57 11.96 26.04
C ARG H 45 0.17 12.72 24.96
N ILE H 46 -0.15 14.00 24.83
CA ILE H 46 0.31 14.86 23.75
C ILE H 46 1.04 16.04 24.35
N SER H 47 2.32 16.19 24.04
CA SER H 47 3.03 17.41 24.39
C SER H 47 2.37 18.61 23.71
N GLY H 48 2.23 19.71 24.46
CA GLY H 48 1.74 20.97 23.91
C GLY H 48 2.58 21.55 22.79
N LEU H 49 3.81 21.08 22.59
CA LEU H 49 4.60 21.43 21.42
C LEU H 49 4.16 20.71 20.15
N ILE H 50 3.32 19.68 20.24
CA ILE H 50 2.92 18.91 19.08
C ILE H 50 2.04 19.72 18.13
N TYR H 51 1.24 20.64 18.68
CA TYR H 51 0.25 21.34 17.87
C TYR H 51 0.87 22.20 16.77
N GLU H 52 1.99 22.86 17.05
CA GLU H 52 2.66 23.64 16.01
C GLU H 52 3.48 22.77 15.06
N GLU H 53 4.02 21.64 15.52
CA GLU H 53 4.66 20.71 14.60
C GLU H 53 3.65 20.03 13.67
N THR H 54 2.47 19.69 14.18
CA THR H 54 1.45 19.06 13.35
C THR H 54 0.91 20.01 12.29
N ARG H 55 0.69 21.28 12.64
CA ARG H 55 0.32 22.29 11.65
C ARG H 55 1.37 22.43 10.55
N GLY H 56 2.64 22.48 10.92
CA GLY H 56 3.71 22.54 9.92
C GLY H 56 3.78 21.33 9.02
N VAL H 57 3.56 20.14 9.58
CA VAL H 57 3.49 18.92 8.79
C VAL H 57 2.32 18.94 7.81
N LEU H 58 1.12 19.24 8.30
CA LEU H 58 -0.06 19.30 7.44
C LEU H 58 0.12 20.25 6.26
N LYS H 59 0.59 21.47 6.52
CA LYS H 59 0.77 22.44 5.44
C LYS H 59 1.79 21.97 4.40
N VAL H 60 2.91 21.39 4.83
CA VAL H 60 3.88 20.83 3.89
C VAL H 60 3.26 19.73 3.03
N PHE H 61 2.41 18.89 3.60
CA PHE H 61 1.74 17.85 2.83
C PHE H 61 0.73 18.44 1.85
N LEU H 62 -0.14 19.32 2.33
CA LEU H 62 -1.24 19.84 1.53
C LEU H 62 -0.76 20.75 0.40
N GLU H 63 0.41 21.37 0.55
CA GLU H 63 1.05 22.05 -0.56
C GLU H 63 1.35 21.11 -1.73
N ASN H 64 2.12 20.05 -1.47
CA ASN H 64 2.53 19.12 -2.51
C ASN H 64 1.35 18.56 -3.32
N VAL H 65 0.25 18.22 -2.66
CA VAL H 65 -0.90 17.67 -3.37
C VAL H 65 -1.57 18.74 -4.26
N ILE H 66 -1.83 19.92 -3.70
CA ILE H 66 -2.54 20.95 -4.46
C ILE H 66 -1.69 21.44 -5.62
N ARG H 67 -0.39 21.60 -5.41
CA ARG H 67 0.53 21.95 -6.51
C ARG H 67 0.40 21.00 -7.69
N ASP H 68 0.54 19.70 -7.45
CA ASP H 68 0.47 18.73 -8.56
C ASP H 68 -0.92 18.61 -9.16
N ALA H 69 -1.97 18.66 -8.34
CA ALA H 69 -3.33 18.66 -8.86
C ALA H 69 -3.57 19.83 -9.81
N VAL H 70 -3.08 21.02 -9.44
CA VAL H 70 -3.19 22.21 -10.30
C VAL H 70 -2.49 22.05 -11.65
N THR H 71 -1.38 21.30 -11.70
CA THR H 71 -0.81 20.97 -13.00
C THR H 71 -1.73 20.11 -13.85
N TYR H 72 -2.38 19.10 -13.27
CA TYR H 72 -3.37 18.34 -14.02
C TYR H 72 -4.54 19.22 -14.46
N THR H 73 -5.00 20.13 -13.60
CA THR H 73 -6.08 21.02 -13.96
C THR H 73 -5.72 21.92 -15.14
N GLU H 74 -4.53 22.54 -15.09
CA GLU H 74 -4.13 23.46 -16.15
C GLU H 74 -3.68 22.74 -17.43
N HIS H 75 -2.99 21.60 -17.29
CA HIS H 75 -2.61 20.83 -18.47
C HIS H 75 -3.81 20.18 -19.14
N ALA H 76 -4.96 20.11 -18.47
CA ALA H 76 -6.22 19.79 -19.11
C ALA H 76 -7.00 21.05 -19.50
N LYS H 77 -6.36 22.20 -19.43
CA LYS H 77 -6.95 23.50 -19.80
C LYS H 77 -8.27 23.77 -19.07
N ARG H 78 -8.27 23.51 -17.76
CA ARG H 78 -9.39 23.85 -16.90
C ARG H 78 -8.96 24.91 -15.90
N LYS H 79 -9.93 25.69 -15.42
CA LYS H 79 -9.73 26.49 -14.21
C LYS H 79 -10.21 25.80 -12.94
N THR H 80 -11.24 24.96 -13.02
CA THR H 80 -11.71 24.20 -11.87
C THR H 80 -10.83 22.98 -11.66
N VAL H 81 -10.20 22.92 -10.48
CA VAL H 81 -9.56 21.69 -10.01
C VAL H 81 -10.64 20.68 -9.61
N THR H 82 -10.46 19.43 -10.06
CA THR H 82 -11.46 18.38 -9.91
C THR H 82 -10.92 17.28 -9.02
N ALA H 83 -11.84 16.55 -8.39
CA ALA H 83 -11.48 15.46 -7.50
C ALA H 83 -10.53 14.45 -8.15
N MET H 84 -10.68 14.20 -9.44
CA MET H 84 -9.76 13.29 -10.12
C MET H 84 -8.37 13.91 -10.31
N ASP H 85 -8.26 15.23 -10.42
CA ASP H 85 -6.95 15.86 -10.37
C ASP H 85 -6.24 15.57 -9.06
N VAL H 86 -6.97 15.69 -7.95
CA VAL H 86 -6.44 15.34 -6.62
C VAL H 86 -6.05 13.86 -6.56
N VAL H 87 -6.96 12.98 -7.01
CA VAL H 87 -6.67 11.54 -7.01
C VAL H 87 -5.44 11.21 -7.86
N TYR H 88 -5.29 11.83 -9.03
CA TYR H 88 -4.08 11.58 -9.81
C TYR H 88 -2.84 12.11 -9.11
N ALA H 89 -2.94 13.29 -8.49
CA ALA H 89 -1.82 13.81 -7.68
C ALA H 89 -1.50 12.90 -6.51
N LEU H 90 -2.52 12.41 -5.80
CA LEU H 90 -2.31 11.50 -4.70
C LEU H 90 -1.67 10.18 -5.15
N LYS H 91 -2.20 9.60 -6.22
CA LYS H 91 -1.61 8.37 -6.75
C LYS H 91 -0.20 8.59 -7.29
N ARG H 92 0.05 9.74 -7.91
CA ARG H 92 1.40 10.12 -8.26
C ARG H 92 2.32 10.17 -7.03
N GLN H 93 1.81 10.67 -5.91
CA GLN H 93 2.58 10.70 -4.67
C GLN H 93 2.51 9.40 -3.88
N GLY H 94 2.01 8.32 -4.47
CA GLY H 94 2.10 7.02 -3.83
C GLY H 94 1.06 6.75 -2.78
N ARG H 95 0.02 7.59 -2.67
CA ARG H 95 -0.90 7.56 -1.55
C ARG H 95 -2.33 7.43 -2.08
N THR H 96 -2.52 6.36 -2.86
CA THR H 96 -3.76 6.07 -3.57
C THR H 96 -4.99 6.15 -2.68
N LEU H 97 -5.95 6.97 -3.11
CA LEU H 97 -7.21 7.17 -2.39
C LEU H 97 -8.34 6.54 -3.20
N TYR H 98 -9.05 5.58 -2.59
CA TYR H 98 -10.26 5.03 -3.17
C TYR H 98 -11.50 5.77 -2.71
N GLY H 99 -12.50 5.79 -3.58
CA GLY H 99 -13.82 6.28 -3.24
C GLY H 99 -14.31 7.47 -4.06
N PHE H 100 -13.38 8.36 -4.40
CA PHE H 100 -13.72 9.55 -5.17
C PHE H 100 -13.68 9.33 -6.68
N GLY H 101 -12.92 8.34 -7.15
CA GLY H 101 -13.07 7.90 -8.52
C GLY H 101 -12.00 6.93 -8.98
N GLY H 102 -12.29 6.18 -10.05
CA GLY H 102 -11.34 5.24 -10.60
C GLY H 102 -10.55 5.78 -11.77
#